data_8ISO
#
_entry.id   8ISO
#
_cell.length_a   61.580
_cell.length_b   61.580
_cell.length_c   149.490
_cell.angle_alpha   90.000
_cell.angle_beta   90.000
_cell.angle_gamma   90.000
#
_symmetry.space_group_name_H-M   'P 41 21 2'
#
loop_
_entity.id
_entity.type
_entity.pdbx_description
1 polymer Beta-lactamase
2 non-polymer 1,2-ETHANEDIOL
3 non-polymer 1-METHOXY-2-[2-(2-METHOXY-ETHOXY]-ETHANE
4 water water
#
_entity_poly.entity_id   1
_entity_poly.type   'polypeptide(L)'
_entity_poly.pdbx_seq_one_letter_code
;GSHMPAAVSDADFATLEKTSGGRLGVCLWHPASGARYGHRMDERFPMCSTVKFPLAAAILHRVDAGKLSLDQRVAVRQGD
IISHSPFTERHVGKDMTVRDLCRATLIISDNAAANLLLPLIDGPAGLTAFLQAQGDRITVSARNEPELNHFAPGDPRDTT
SPAAMAGNLQRFLLGDVLSPASRQQLADWLIDNQTGDARLRAGLPQGWRVGDKTGSNGQDTSNDIAALWPLAGGAPWLLS
CYLQGSALDDDGRDGILRQVGELAGARLG
;
_entity_poly.pdbx_strand_id   A
#
loop_
_chem_comp.id
_chem_comp.type
_chem_comp.name
_chem_comp.formula
EDO non-polymer 1,2-ETHANEDIOL 'C2 H6 O2'
PG5 non-polymer 1-METHOXY-2-[2-(2-METHOXY-ETHOXY]-ETHANE 'C8 H18 O4'
#
# COMPACT_ATOMS: atom_id res chain seq x y z
N SER A 9 23.49 -6.85 5.85
CA SER A 9 23.55 -5.43 6.19
C SER A 9 22.78 -4.62 5.15
N ASP A 10 22.59 -3.32 5.43
CA ASP A 10 21.85 -2.47 4.50
C ASP A 10 22.56 -2.32 3.16
N ALA A 11 23.88 -2.54 3.13
CA ALA A 11 24.59 -2.56 1.85
C ALA A 11 24.03 -3.64 0.93
N ASP A 12 23.42 -4.69 1.48
CA ASP A 12 22.84 -5.73 0.63
C ASP A 12 21.71 -5.18 -0.23
N PHE A 13 21.01 -4.14 0.23
CA PHE A 13 19.98 -3.52 -0.60
C PHE A 13 20.60 -2.82 -1.80
N ALA A 14 21.78 -2.20 -1.62
CA ALA A 14 22.47 -1.57 -2.74
C ALA A 14 22.93 -2.61 -3.74
N THR A 15 23.45 -3.74 -3.26
CA THR A 15 23.84 -4.82 -4.15
C THR A 15 22.64 -5.34 -4.93
N LEU A 16 21.51 -5.52 -4.24
CA LEU A 16 20.29 -5.97 -4.90
C LEU A 16 19.83 -4.96 -5.93
N GLU A 17 19.91 -3.67 -5.60
CA GLU A 17 19.53 -2.62 -6.53
C GLU A 17 20.35 -2.69 -7.81
N LYS A 18 21.64 -3.04 -7.70
CA LYS A 18 22.49 -3.10 -8.89
C LYS A 18 22.04 -4.21 -9.85
N THR A 19 21.47 -5.29 -9.33
CA THR A 19 20.98 -6.35 -10.21
C THR A 19 19.67 -5.96 -10.90
N SER A 20 18.96 -4.98 -10.38
N SER A 20 18.97 -4.96 -10.37
CA SER A 20 17.68 -4.60 -10.97
CA SER A 20 17.65 -4.56 -10.86
C SER A 20 17.80 -3.40 -11.90
C SER A 20 17.68 -3.33 -11.74
N GLY A 21 18.68 -2.46 -11.59
CA GLY A 21 18.61 -1.15 -12.19
C GLY A 21 17.50 -0.36 -11.52
N GLY A 22 17.39 0.91 -11.85
CA GLY A 22 16.41 1.76 -11.23
C GLY A 22 16.77 1.99 -9.78
N ARG A 23 15.74 2.30 -9.00
CA ARG A 23 15.90 2.72 -7.62
C ARG A 23 15.07 1.79 -6.75
N LEU A 24 15.71 1.21 -5.75
CA LEU A 24 15.06 0.35 -4.78
C LEU A 24 14.99 1.08 -3.45
N GLY A 25 13.78 1.28 -2.95
CA GLY A 25 13.56 1.91 -1.66
C GLY A 25 12.94 0.91 -0.70
N VAL A 26 13.55 0.75 0.47
CA VAL A 26 13.11 -0.22 1.45
C VAL A 26 13.13 0.43 2.82
N CYS A 27 12.08 0.20 3.61
CA CYS A 27 12.10 0.54 5.03
C CYS A 27 11.53 -0.62 5.83
N LEU A 28 12.37 -1.23 6.66
CA LEU A 28 11.98 -2.29 7.58
C LEU A 28 12.09 -1.74 8.99
N TRP A 29 10.95 -1.68 9.71
CA TRP A 29 10.84 -0.90 10.94
C TRP A 29 10.17 -1.72 12.01
N HIS A 30 10.78 -1.75 13.20
CA HIS A 30 10.27 -2.50 14.35
C HIS A 30 9.97 -1.50 15.46
N PRO A 31 8.75 -0.98 15.54
CA PRO A 31 8.44 0.03 16.56
C PRO A 31 8.81 -0.35 17.98
N ALA A 32 8.61 -1.60 18.37
CA ALA A 32 8.80 -1.97 19.77
C ALA A 32 10.26 -1.97 20.19
N SER A 33 11.21 -2.05 19.27
CA SER A 33 12.62 -1.97 19.61
C SER A 33 13.34 -0.77 19.01
N GLY A 34 12.70 -0.03 18.12
CA GLY A 34 13.34 1.05 17.41
C GLY A 34 14.32 0.63 16.33
N ALA A 35 14.40 -0.65 15.98
CA ALA A 35 15.31 -1.08 14.93
C ALA A 35 14.78 -0.71 13.56
N ARG A 36 15.66 -0.25 12.67
CA ARG A 36 15.23 0.21 11.35
C ARG A 36 16.33 -0.06 10.35
N TYR A 37 15.96 -0.65 9.22
CA TYR A 37 16.90 -1.04 8.17
C TYR A 37 16.30 -0.65 6.83
N GLY A 38 17.14 -0.25 5.88
CA GLY A 38 16.55 0.10 4.60
C GLY A 38 17.52 0.73 3.63
N HIS A 39 16.94 1.35 2.60
CA HIS A 39 17.69 1.90 1.48
C HIS A 39 16.82 3.00 0.88
N ARG A 40 17.41 4.17 0.61
CA ARG A 40 16.69 5.29 -0.02
C ARG A 40 15.39 5.61 0.72
N MET A 41 15.45 5.59 2.05
CA MET A 41 14.24 5.61 2.85
C MET A 41 13.50 6.93 2.79
N ASP A 42 14.17 8.02 2.41
CA ASP A 42 13.55 9.32 2.30
C ASP A 42 13.38 9.81 0.88
N GLU A 43 13.68 8.98 -0.12
CA GLU A 43 13.48 9.39 -1.51
C GLU A 43 12.03 9.16 -1.91
N ARG A 44 11.57 9.94 -2.90
CA ARG A 44 10.22 9.78 -3.42
C ARG A 44 10.14 8.70 -4.50
N PHE A 45 9.09 7.89 -4.42
CA PHE A 45 8.76 6.82 -5.36
C PHE A 45 7.28 6.92 -5.69
N PRO A 46 6.90 6.56 -6.93
CA PRO A 46 5.47 6.49 -7.24
C PRO A 46 4.77 5.41 -6.41
N MET A 47 3.63 5.78 -5.85
CA MET A 47 2.88 4.82 -5.04
C MET A 47 2.24 3.72 -5.87
N CYS A 48 1.80 4.03 -7.09
CA CYS A 48 0.94 3.12 -7.83
C CYS A 48 -0.18 2.68 -6.91
N SER A 49 -0.59 1.41 -6.99
CA SER A 49 -1.75 0.98 -6.23
C SER A 49 -1.52 0.92 -4.73
N THR A 50 -0.31 1.16 -4.22
CA THR A 50 -0.18 1.25 -2.77
C THR A 50 -0.96 2.42 -2.19
N VAL A 51 -1.35 3.40 -3.02
CA VAL A 51 -2.19 4.49 -2.54
C VAL A 51 -3.53 3.98 -2.03
N LYS A 52 -3.95 2.79 -2.46
CA LYS A 52 -5.22 2.26 -2.00
C LYS A 52 -5.21 1.94 -0.51
N PHE A 53 -4.03 1.70 0.07
CA PHE A 53 -3.96 1.51 1.52
C PHE A 53 -4.34 2.77 2.31
N PRO A 54 -3.67 3.93 2.14
CA PRO A 54 -4.15 5.11 2.88
C PRO A 54 -5.55 5.53 2.50
N LEU A 55 -5.98 5.25 1.26
CA LEU A 55 -7.37 5.54 0.88
C LEU A 55 -8.35 4.79 1.78
N ALA A 56 -8.13 3.49 1.96
CA ALA A 56 -9.01 2.71 2.81
C ALA A 56 -8.95 3.20 4.24
N ALA A 57 -7.76 3.56 4.73
CA ALA A 57 -7.66 4.08 6.09
C ALA A 57 -8.45 5.38 6.25
N ALA A 58 -8.40 6.25 5.25
CA ALA A 58 -9.14 7.51 5.31
C ALA A 58 -10.63 7.26 5.34
N ILE A 59 -11.10 6.30 4.54
CA ILE A 59 -12.51 5.91 4.55
C ILE A 59 -12.91 5.45 5.95
N LEU A 60 -12.11 4.57 6.54
CA LEU A 60 -12.45 4.06 7.87
C LEU A 60 -12.42 5.17 8.91
N HIS A 61 -11.48 6.11 8.79
CA HIS A 61 -11.45 7.25 9.71
C HIS A 61 -12.72 8.08 9.61
N ARG A 62 -13.21 8.31 8.39
CA ARG A 62 -14.45 9.05 8.21
C ARG A 62 -15.65 8.30 8.79
N VAL A 63 -15.66 6.96 8.66
CA VAL A 63 -16.70 6.14 9.26
C VAL A 63 -16.63 6.24 10.79
N ASP A 64 -15.43 6.11 11.35
CA ASP A 64 -15.27 6.20 12.79
C ASP A 64 -15.77 7.54 13.32
N ALA A 65 -15.64 8.60 12.52
CA ALA A 65 -16.07 9.93 12.93
C ALA A 65 -17.57 10.13 12.81
N GLY A 66 -18.30 9.11 12.35
CA GLY A 66 -19.74 9.23 12.19
C GLY A 66 -20.19 9.99 10.96
N LYS A 67 -19.30 10.21 9.99
CA LYS A 67 -19.61 11.00 8.81
C LYS A 67 -19.84 10.15 7.57
N LEU A 68 -19.72 8.83 7.70
CA LEU A 68 -19.89 7.88 6.62
C LEU A 68 -20.20 6.55 7.29
N SER A 69 -20.94 5.69 6.58
CA SER A 69 -21.19 4.33 7.03
C SER A 69 -20.55 3.33 6.07
N LEU A 70 -19.99 2.26 6.60
CA LEU A 70 -19.51 1.18 5.75
C LEU A 70 -20.64 0.50 4.99
N ASP A 71 -21.88 0.66 5.45
CA ASP A 71 -23.05 0.12 4.78
C ASP A 71 -23.71 1.11 3.84
N GLN A 72 -23.20 2.34 3.76
CA GLN A 72 -23.64 3.25 2.72
C GLN A 72 -23.38 2.62 1.36
N ARG A 73 -24.31 2.81 0.43
CA ARG A 73 -24.16 2.25 -0.91
C ARG A 73 -23.85 3.35 -1.93
N VAL A 74 -23.04 3.00 -2.92
CA VAL A 74 -22.53 3.91 -3.91
C VAL A 74 -22.91 3.35 -5.28
N ALA A 75 -23.54 4.19 -6.11
CA ALA A 75 -23.96 3.76 -7.43
C ALA A 75 -22.75 3.54 -8.34
N VAL A 76 -22.82 2.52 -9.17
CA VAL A 76 -21.80 2.21 -10.16
C VAL A 76 -22.42 2.41 -11.54
N ARG A 77 -21.76 3.23 -12.36
CA ARG A 77 -22.23 3.47 -13.71
C ARG A 77 -21.18 3.01 -14.69
N GLN A 78 -21.61 2.78 -15.95
CA GLN A 78 -20.69 2.22 -16.93
C GLN A 78 -19.45 3.08 -17.08
N GLY A 79 -19.61 4.41 -17.05
CA GLY A 79 -18.47 5.31 -17.23
C GLY A 79 -17.46 5.24 -16.09
N ASP A 80 -17.84 4.66 -14.96
CA ASP A 80 -16.87 4.46 -13.89
C ASP A 80 -15.91 3.31 -14.17
N ILE A 81 -16.26 2.37 -15.03
CA ILE A 81 -15.48 1.16 -15.17
C ILE A 81 -14.27 1.45 -16.04
N ILE A 82 -13.08 1.15 -15.52
CA ILE A 82 -11.81 1.32 -16.19
C ILE A 82 -11.01 0.03 -16.06
N SER A 83 -9.87 -0.03 -16.72
CA SER A 83 -9.10 -1.27 -16.79
C SER A 83 -8.86 -1.85 -15.39
N HIS A 84 -9.05 -3.16 -15.27
CA HIS A 84 -8.86 -3.93 -14.04
C HIS A 84 -9.74 -3.42 -12.90
N SER A 85 -11.04 -3.71 -13.08
CA SER A 85 -12.08 -3.40 -12.09
C SER A 85 -12.93 -4.66 -11.90
N PRO A 86 -12.36 -5.73 -11.34
CA PRO A 86 -13.01 -7.05 -11.42
C PRO A 86 -14.27 -7.20 -10.60
N PHE A 87 -14.41 -6.48 -9.49
CA PHE A 87 -15.66 -6.54 -8.76
C PHE A 87 -16.64 -5.48 -9.21
N THR A 88 -16.17 -4.23 -9.33
CA THR A 88 -17.07 -3.14 -9.66
C THR A 88 -17.75 -3.36 -11.01
N GLU A 89 -17.07 -3.99 -11.97
CA GLU A 89 -17.66 -4.19 -13.30
C GLU A 89 -18.92 -5.05 -13.25
N ARG A 90 -19.13 -5.81 -12.19
CA ARG A 90 -20.30 -6.67 -12.07
C ARG A 90 -21.52 -5.93 -11.53
N HIS A 91 -21.36 -4.69 -11.09
CA HIS A 91 -22.41 -3.94 -10.41
C HIS A 91 -22.81 -2.68 -11.17
N VAL A 92 -22.46 -2.60 -12.46
CA VAL A 92 -22.89 -1.46 -13.27
C VAL A 92 -24.42 -1.41 -13.30
N GLY A 93 -24.98 -0.24 -13.02
CA GLY A 93 -26.42 -0.11 -12.97
C GLY A 93 -27.04 -0.42 -11.63
N LYS A 94 -26.26 -0.85 -10.64
CA LYS A 94 -26.76 -1.00 -9.27
C LYS A 94 -25.75 -0.29 -8.36
N ASP A 95 -25.70 -0.71 -7.10
CA ASP A 95 -24.81 -0.06 -6.14
C ASP A 95 -24.05 -1.09 -5.33
N MET A 96 -23.05 -0.62 -4.58
CA MET A 96 -22.19 -1.47 -3.75
C MET A 96 -21.94 -0.79 -2.43
N THR A 97 -21.76 -1.56 -1.35
CA THR A 97 -21.43 -0.92 -0.09
C THR A 97 -20.01 -0.35 -0.11
N VAL A 98 -19.83 0.71 0.68
CA VAL A 98 -18.49 1.24 0.90
C VAL A 98 -17.54 0.14 1.37
N ARG A 99 -18.03 -0.72 2.27
CA ARG A 99 -17.21 -1.82 2.77
C ARG A 99 -16.71 -2.73 1.64
N ASP A 100 -17.62 -3.10 0.73
CA ASP A 100 -17.25 -4.00 -0.35
C ASP A 100 -16.34 -3.29 -1.36
N LEU A 101 -16.52 -1.99 -1.55
CA LEU A 101 -15.59 -1.22 -2.38
C LEU A 101 -14.19 -1.21 -1.80
N CYS A 102 -14.08 -1.03 -0.48
CA CYS A 102 -12.76 -1.03 0.16
C CYS A 102 -12.10 -2.40 -0.01
N ARG A 103 -12.85 -3.46 0.25
CA ARG A 103 -12.29 -4.81 0.09
C ARG A 103 -11.79 -5.01 -1.34
N ALA A 104 -12.60 -4.65 -2.33
CA ALA A 104 -12.22 -4.86 -3.72
C ALA A 104 -10.98 -4.09 -4.09
N THR A 105 -10.89 -2.81 -3.66
CA THR A 105 -9.73 -2.03 -4.05
C THR A 105 -8.46 -2.53 -3.39
N LEU A 106 -8.56 -3.10 -2.18
CA LEU A 106 -7.37 -3.60 -1.49
C LEU A 106 -6.96 -4.99 -1.97
N ILE A 107 -7.87 -5.96 -2.02
CA ILE A 107 -7.41 -7.35 -2.16
C ILE A 107 -7.14 -7.72 -3.61
N ILE A 108 -7.78 -7.05 -4.57
CA ILE A 108 -7.52 -7.31 -5.98
C ILE A 108 -7.15 -6.05 -6.74
N SER A 109 -7.03 -4.91 -6.05
CA SER A 109 -6.57 -3.68 -6.67
C SER A 109 -7.59 -3.09 -7.66
N ASP A 110 -8.88 -3.31 -7.41
CA ASP A 110 -9.95 -2.83 -8.29
C ASP A 110 -9.85 -1.31 -8.47
N ASN A 111 -9.68 -0.87 -9.72
CA ASN A 111 -9.38 0.54 -9.97
C ASN A 111 -10.63 1.41 -9.90
N ALA A 112 -11.73 0.97 -10.52
CA ALA A 112 -12.96 1.74 -10.40
C ALA A 112 -13.36 1.89 -8.94
N ALA A 113 -13.11 0.85 -8.13
CA ALA A 113 -13.48 0.93 -6.72
C ALA A 113 -12.75 2.08 -6.03
N ALA A 114 -11.46 2.25 -6.31
CA ALA A 114 -10.73 3.39 -5.74
C ALA A 114 -11.32 4.71 -6.20
N ASN A 115 -11.65 4.82 -7.49
CA ASN A 115 -12.22 6.07 -8.00
C ASN A 115 -13.58 6.37 -7.39
N LEU A 116 -14.35 5.33 -7.01
CA LEU A 116 -15.64 5.55 -6.38
C LEU A 116 -15.51 5.92 -4.91
N LEU A 117 -14.43 5.48 -4.26
CA LEU A 117 -14.20 5.80 -2.86
C LEU A 117 -13.61 7.19 -2.69
N LEU A 118 -12.73 7.61 -3.60
CA LEU A 118 -12.02 8.88 -3.44
C LEU A 118 -12.94 10.06 -3.17
N PRO A 119 -14.06 10.26 -3.87
CA PRO A 119 -14.89 11.43 -3.58
C PRO A 119 -15.46 11.45 -2.19
N LEU A 120 -15.61 10.27 -1.56
CA LEU A 120 -16.19 10.21 -0.23
C LEU A 120 -15.27 10.83 0.81
N ILE A 121 -13.98 10.97 0.52
CA ILE A 121 -13.05 11.63 1.43
C ILE A 121 -12.45 12.89 0.82
N ASP A 122 -13.15 13.47 -0.15
CA ASP A 122 -12.79 14.75 -0.77
C ASP A 122 -11.61 14.61 -1.72
N GLY A 123 -11.50 13.44 -2.37
CA GLY A 123 -10.60 13.26 -3.47
C GLY A 123 -9.16 13.17 -3.02
N PRO A 124 -8.26 13.16 -4.01
CA PRO A 124 -6.82 13.14 -3.71
C PRO A 124 -6.38 14.22 -2.76
N ALA A 125 -6.91 15.44 -2.89
CA ALA A 125 -6.54 16.49 -1.95
C ALA A 125 -7.00 16.16 -0.54
N GLY A 126 -8.18 15.55 -0.40
CA GLY A 126 -8.66 15.14 0.91
C GLY A 126 -7.83 14.02 1.49
N LEU A 127 -7.39 13.09 0.64
CA LEU A 127 -6.51 12.02 1.13
C LEU A 127 -5.20 12.61 1.64
N THR A 128 -4.63 13.55 0.88
CA THR A 128 -3.38 14.18 1.29
C THR A 128 -3.55 14.94 2.60
N ALA A 129 -4.68 15.65 2.75
CA ALA A 129 -4.93 16.36 4.00
C ALA A 129 -5.03 15.42 5.17
N PHE A 130 -5.69 14.27 4.98
CA PHE A 130 -5.77 13.25 6.02
C PHE A 130 -4.38 12.76 6.41
N LEU A 131 -3.55 12.43 5.41
CA LEU A 131 -2.20 11.98 5.72
C LEU A 131 -1.41 13.04 6.48
N GLN A 132 -1.51 14.30 6.07
CA GLN A 132 -0.83 15.38 6.76
C GLN A 132 -1.29 15.47 8.21
N ALA A 133 -2.60 15.41 8.42
CA ALA A 133 -3.15 15.55 9.77
C ALA A 133 -2.68 14.42 10.67
N GLN A 134 -2.42 13.24 10.11
CA GLN A 134 -2.00 12.08 10.90
C GLN A 134 -0.48 12.00 11.04
N GLY A 135 0.25 12.91 10.42
CA GLY A 135 1.68 13.04 10.66
C GLY A 135 2.55 12.82 9.44
N ASP A 136 2.00 12.41 8.29
CA ASP A 136 2.78 12.14 7.08
C ASP A 136 2.74 13.38 6.21
N ARG A 137 3.84 14.15 6.25
N ARG A 137 3.82 14.17 6.25
CA ARG A 137 3.99 15.38 5.49
CA ARG A 137 3.93 15.38 5.45
C ARG A 137 4.77 15.16 4.20
C ARG A 137 4.75 15.17 4.18
N ILE A 138 4.92 13.91 3.76
CA ILE A 138 5.63 13.57 2.55
C ILE A 138 4.69 13.13 1.43
N THR A 139 3.80 12.17 1.73
CA THR A 139 3.01 11.54 0.68
C THR A 139 2.07 12.56 0.05
N VAL A 140 2.01 12.58 -1.29
CA VAL A 140 1.10 13.44 -2.00
C VAL A 140 0.20 12.57 -2.87
N SER A 141 -1.10 12.61 -2.61
CA SER A 141 -2.07 12.03 -3.53
C SER A 141 -2.65 13.18 -4.36
N ALA A 142 -2.51 13.11 -5.68
CA ALA A 142 -2.92 14.19 -6.56
C ALA A 142 -3.94 13.77 -7.59
N ARG A 143 -3.91 12.52 -8.05
CA ARG A 143 -4.74 12.08 -9.15
C ARG A 143 -5.48 10.81 -8.77
N ASN A 144 -6.52 10.50 -9.54
CA ASN A 144 -7.20 9.22 -9.39
C ASN A 144 -6.68 8.23 -10.43
N GLU A 145 -7.34 7.08 -10.55
CA GLU A 145 -6.88 6.05 -11.48
C GLU A 145 -7.36 6.40 -12.89
N PRO A 146 -6.52 6.20 -13.93
CA PRO A 146 -5.20 5.57 -13.91
C PRO A 146 -4.01 6.54 -13.89
N GLU A 147 -4.27 7.85 -13.97
CA GLU A 147 -3.16 8.78 -14.16
C GLU A 147 -2.27 8.89 -12.93
N LEU A 148 -2.74 8.46 -11.75
CA LEU A 148 -1.88 8.49 -10.58
C LEU A 148 -0.65 7.61 -10.76
N ASN A 149 -0.68 6.68 -11.70
CA ASN A 149 0.47 5.81 -11.91
C ASN A 149 1.61 6.46 -12.66
N HIS A 150 1.41 7.66 -13.22
CA HIS A 150 2.49 8.36 -13.88
C HIS A 150 3.55 8.75 -12.87
N PHE A 151 4.80 8.84 -13.33
CA PHE A 151 5.90 9.26 -12.47
C PHE A 151 6.94 9.98 -13.30
N ALA A 152 7.44 11.09 -12.77
CA ALA A 152 8.57 11.77 -13.37
C ALA A 152 9.42 12.32 -12.23
N PRO A 153 10.74 12.15 -12.31
CA PRO A 153 11.61 12.79 -11.31
C PRO A 153 11.34 14.28 -11.19
N GLY A 154 11.26 14.76 -9.96
CA GLY A 154 10.94 16.15 -9.70
C GLY A 154 9.46 16.48 -9.61
N ASP A 155 8.57 15.56 -9.96
CA ASP A 155 7.13 15.74 -9.86
C ASP A 155 6.66 14.92 -8.68
N PRO A 156 6.28 15.54 -7.56
CA PRO A 156 5.92 14.76 -6.37
C PRO A 156 4.51 14.18 -6.40
N ARG A 157 3.72 14.44 -7.44
CA ARG A 157 2.35 13.93 -7.44
C ARG A 157 2.32 12.41 -7.36
N ASP A 158 1.52 11.89 -6.43
CA ASP A 158 1.27 10.46 -6.30
C ASP A 158 2.50 9.70 -5.86
N THR A 159 3.36 10.35 -5.08
CA THR A 159 4.57 9.74 -4.55
C THR A 159 4.51 9.64 -3.04
N THR A 160 5.32 8.71 -2.53
CA THR A 160 5.57 8.55 -1.10
C THR A 160 7.05 8.27 -0.92
N SER A 161 7.49 8.10 0.33
CA SER A 161 8.81 7.56 0.59
C SER A 161 8.66 6.23 1.33
N PRO A 162 9.69 5.37 1.28
CA PRO A 162 9.58 4.11 2.03
C PRO A 162 9.33 4.34 3.51
N ALA A 163 10.01 5.32 4.11
CA ALA A 163 9.82 5.61 5.53
C ALA A 163 8.40 6.12 5.79
N ALA A 164 7.89 7.00 4.94
CA ALA A 164 6.56 7.54 5.17
C ALA A 164 5.52 6.43 5.13
N MET A 165 5.63 5.52 4.16
CA MET A 165 4.60 4.49 4.06
C MET A 165 4.75 3.43 5.13
N ALA A 166 5.98 3.11 5.56
CA ALA A 166 6.12 2.28 6.75
C ALA A 166 5.47 2.96 7.95
N GLY A 167 5.63 4.27 8.05
CA GLY A 167 4.97 5.02 9.10
C GLY A 167 3.47 4.89 9.04
N ASN A 168 2.91 4.94 7.82
CA ASN A 168 1.46 4.83 7.69
C ASN A 168 0.96 3.44 8.05
N LEU A 169 1.71 2.40 7.69
CA LEU A 169 1.35 1.06 8.13
C LEU A 169 1.26 1.02 9.64
N GLN A 170 2.24 1.62 10.32
CA GLN A 170 2.22 1.66 11.78
C GLN A 170 1.02 2.46 12.28
N ARG A 171 0.83 3.68 11.76
CA ARG A 171 -0.24 4.55 12.25
C ARG A 171 -1.58 3.87 12.17
N PHE A 172 -1.88 3.28 11.02
CA PHE A 172 -3.23 2.83 10.73
C PHE A 172 -3.50 1.42 11.23
N LEU A 173 -2.49 0.55 11.26
CA LEU A 173 -2.68 -0.82 11.70
C LEU A 173 -2.35 -1.04 13.16
N LEU A 174 -1.41 -0.27 13.70
CA LEU A 174 -0.93 -0.50 15.06
C LEU A 174 -1.26 0.62 16.02
N GLY A 175 -1.35 1.86 15.55
CA GLY A 175 -1.66 2.99 16.39
C GLY A 175 -3.15 3.12 16.59
N ASP A 176 -3.56 4.29 17.11
N ASP A 176 -3.54 4.30 17.08
CA ASP A 176 -4.95 4.54 17.44
CA ASP A 176 -4.93 4.56 17.45
C ASP A 176 -5.62 5.55 16.51
C ASP A 176 -5.62 5.55 16.51
N VAL A 177 -5.13 5.66 15.27
CA VAL A 177 -5.80 6.50 14.29
C VAL A 177 -7.22 6.01 14.06
N LEU A 178 -7.39 4.68 14.01
CA LEU A 178 -8.66 4.02 13.74
C LEU A 178 -9.16 3.33 15.00
N SER A 179 -10.49 3.18 15.06
CA SER A 179 -11.11 2.40 16.13
C SER A 179 -10.61 0.96 16.09
N PRO A 180 -10.70 0.23 17.21
CA PRO A 180 -10.27 -1.17 17.20
C PRO A 180 -10.96 -1.99 16.11
N ALA A 181 -12.25 -1.81 15.90
CA ALA A 181 -12.95 -2.56 14.86
C ALA A 181 -12.45 -2.18 13.47
N SER A 182 -12.26 -0.89 13.23
CA SER A 182 -11.78 -0.46 11.91
C SER A 182 -10.36 -0.93 11.65
N ARG A 183 -9.49 -0.82 12.66
CA ARG A 183 -8.11 -1.24 12.52
C ARG A 183 -8.04 -2.73 12.21
N GLN A 184 -8.88 -3.53 12.87
CA GLN A 184 -8.85 -4.97 12.62
C GLN A 184 -9.42 -5.30 11.25
N GLN A 185 -10.46 -4.59 10.81
CA GLN A 185 -11.00 -4.84 9.49
C GLN A 185 -9.96 -4.52 8.43
N LEU A 186 -9.20 -3.43 8.61
CA LEU A 186 -8.17 -3.06 7.65
C LEU A 186 -7.06 -4.10 7.61
N ALA A 187 -6.62 -4.57 8.78
CA ALA A 187 -5.63 -5.64 8.82
C ALA A 187 -6.16 -6.88 8.10
N ASP A 188 -7.43 -7.22 8.32
CA ASP A 188 -7.99 -8.44 7.70
C ASP A 188 -7.99 -8.32 6.19
N TRP A 189 -8.31 -7.13 5.67
CA TRP A 189 -8.26 -6.92 4.23
C TRP A 189 -6.84 -7.15 3.69
N LEU A 190 -5.84 -6.59 4.38
CA LEU A 190 -4.47 -6.76 3.92
C LEU A 190 -4.04 -8.22 4.02
N ILE A 191 -4.48 -8.90 5.09
CA ILE A 191 -4.16 -10.32 5.23
C ILE A 191 -4.75 -11.11 4.07
N ASP A 192 -5.93 -10.70 3.60
CA ASP A 192 -6.64 -11.37 2.51
C ASP A 192 -6.17 -10.93 1.12
N ASN A 193 -5.10 -10.15 1.01
CA ASN A 193 -4.66 -9.65 -0.28
C ASN A 193 -4.39 -10.81 -1.24
N GLN A 194 -4.81 -10.63 -2.48
CA GLN A 194 -4.72 -11.69 -3.48
C GLN A 194 -3.56 -11.53 -4.45
N THR A 195 -2.81 -10.44 -4.39
CA THR A 195 -1.87 -10.09 -5.45
C THR A 195 -0.41 -10.16 -5.02
N GLY A 196 -0.10 -10.61 -3.79
CA GLY A 196 1.25 -10.52 -3.27
C GLY A 196 1.98 -11.84 -3.14
N ASP A 197 1.47 -12.93 -3.71
CA ASP A 197 2.02 -14.24 -3.36
C ASP A 197 3.43 -14.44 -3.88
N ALA A 198 3.81 -13.77 -4.96
CA ALA A 198 5.14 -13.92 -5.54
C ALA A 198 6.09 -12.81 -5.13
N ARG A 199 5.72 -11.97 -4.17
CA ARG A 199 6.46 -10.76 -3.84
C ARG A 199 7.05 -10.91 -2.44
N LEU A 200 6.84 -9.94 -1.53
CA LEU A 200 7.48 -10.05 -0.21
C LEU A 200 7.14 -11.37 0.47
N ARG A 201 5.86 -11.78 0.38
CA ARG A 201 5.42 -13.02 1.03
C ARG A 201 6.28 -14.22 0.64
N ALA A 202 6.75 -14.26 -0.61
CA ALA A 202 7.48 -15.42 -1.08
C ALA A 202 8.90 -15.49 -0.54
N GLY A 203 9.44 -14.39 -0.02
CA GLY A 203 10.78 -14.39 0.52
C GLY A 203 10.84 -14.39 2.03
N LEU A 204 9.74 -14.05 2.69
CA LEU A 204 9.76 -13.95 4.14
C LEU A 204 9.81 -15.35 4.75
N PRO A 205 10.47 -15.49 5.91
CA PRO A 205 10.53 -16.80 6.57
C PRO A 205 9.18 -17.20 7.14
N GLN A 206 9.05 -18.50 7.40
CA GLN A 206 7.84 -19.03 8.01
C GLN A 206 7.69 -18.49 9.44
N GLY A 207 6.45 -18.46 9.90
CA GLY A 207 6.13 -18.04 11.25
C GLY A 207 5.58 -16.63 11.37
N TRP A 208 5.25 -15.99 10.25
CA TRP A 208 4.76 -14.62 10.26
C TRP A 208 3.46 -14.54 9.47
N ARG A 209 2.49 -13.84 10.04
CA ARG A 209 1.27 -13.48 9.33
C ARG A 209 1.54 -12.19 8.58
N VAL A 210 1.23 -12.18 7.28
CA VAL A 210 1.52 -11.03 6.42
C VAL A 210 0.21 -10.41 5.95
N GLY A 211 0.10 -9.09 6.09
CA GLY A 211 -0.88 -8.31 5.34
C GLY A 211 -0.13 -7.39 4.42
N ASP A 212 -0.55 -7.30 3.15
CA ASP A 212 0.21 -6.45 2.23
C ASP A 212 -0.71 -5.82 1.20
N LYS A 213 -0.19 -4.77 0.57
CA LYS A 213 -0.79 -4.17 -0.62
C LYS A 213 0.31 -3.94 -1.65
N THR A 214 0.08 -4.37 -2.89
CA THR A 214 1.04 -4.25 -3.97
C THR A 214 0.71 -3.10 -4.91
N GLY A 215 1.68 -2.81 -5.78
CA GLY A 215 1.45 -1.99 -6.97
C GLY A 215 2.41 -2.42 -8.04
N SER A 216 1.98 -2.30 -9.29
CA SER A 216 2.87 -2.53 -10.43
C SER A 216 2.30 -1.81 -11.63
N ASN A 217 3.15 -1.11 -12.37
CA ASN A 217 2.71 -0.49 -13.61
C ASN A 217 2.83 -1.41 -14.80
N GLY A 218 3.17 -2.68 -14.56
CA GLY A 218 3.27 -3.66 -15.63
C GLY A 218 4.46 -3.47 -16.57
N GLN A 219 5.34 -2.52 -16.29
CA GLN A 219 6.40 -2.18 -17.23
C GLN A 219 7.76 -2.12 -16.54
N ASP A 220 7.91 -1.26 -15.52
CA ASP A 220 9.24 -1.08 -14.92
C ASP A 220 9.20 -0.81 -13.42
N THR A 221 8.05 -0.89 -12.76
CA THR A 221 7.91 -0.44 -11.38
C THR A 221 7.00 -1.42 -10.64
N SER A 222 7.47 -1.91 -9.48
CA SER A 222 6.65 -2.74 -8.60
C SER A 222 6.91 -2.37 -7.16
N ASN A 223 5.84 -2.38 -6.36
CA ASN A 223 5.89 -1.98 -4.96
C ASN A 223 5.15 -3.01 -4.12
N ASP A 224 5.52 -3.12 -2.85
CA ASP A 224 4.78 -3.97 -1.92
C ASP A 224 5.00 -3.41 -0.52
N ILE A 225 3.92 -3.20 0.21
CA ILE A 225 3.99 -2.68 1.57
C ILE A 225 3.26 -3.67 2.47
N ALA A 226 3.85 -3.98 3.63
CA ALA A 226 3.37 -5.10 4.43
C ALA A 226 3.51 -4.84 5.92
N ALA A 227 2.59 -5.41 6.66
CA ALA A 227 2.74 -5.59 8.10
C ALA A 227 2.99 -7.07 8.36
N LEU A 228 3.89 -7.35 9.30
CA LEU A 228 4.34 -8.70 9.61
C LEU A 228 4.08 -8.94 11.09
N TRP A 229 3.12 -9.82 11.41
CA TRP A 229 2.80 -10.13 12.79
C TRP A 229 3.31 -11.53 13.12
N PRO A 230 4.04 -11.70 14.22
CA PRO A 230 4.58 -13.03 14.54
C PRO A 230 3.47 -13.97 14.98
N LEU A 231 3.44 -15.15 14.38
CA LEU A 231 2.43 -16.13 14.79
C LEU A 231 2.68 -16.64 16.20
N ALA A 232 3.91 -16.55 16.69
CA ALA A 232 4.24 -16.93 18.05
C ALA A 232 3.86 -15.85 19.07
N GLY A 233 3.19 -14.80 18.61
CA GLY A 233 2.95 -13.64 19.44
C GLY A 233 4.16 -12.74 19.52
N GLY A 234 3.91 -11.49 19.85
CA GLY A 234 4.99 -10.52 19.96
C GLY A 234 4.78 -9.36 19.02
N ALA A 235 5.80 -8.52 18.95
CA ALA A 235 5.66 -7.21 18.34
C ALA A 235 5.84 -7.29 16.82
N PRO A 236 4.99 -6.60 16.07
CA PRO A 236 5.05 -6.68 14.60
C PRO A 236 6.12 -5.80 14.01
N TRP A 237 6.44 -6.08 12.74
CA TRP A 237 7.31 -5.26 11.92
C TRP A 237 6.51 -4.68 10.75
N LEU A 238 6.96 -3.54 10.25
CA LEU A 238 6.45 -2.93 9.03
C LEU A 238 7.53 -2.98 7.98
N LEU A 239 7.14 -3.26 6.72
CA LEU A 239 8.11 -3.41 5.65
C LEU A 239 7.54 -2.76 4.40
N SER A 240 8.16 -1.68 3.95
CA SER A 240 7.75 -1.02 2.71
C SER A 240 8.83 -1.23 1.66
N CYS A 241 8.42 -1.46 0.42
CA CYS A 241 9.35 -1.74 -0.66
C CYS A 241 8.83 -1.10 -1.94
N TYR A 242 9.65 -0.24 -2.54
CA TYR A 242 9.31 0.48 -3.77
C TYR A 242 10.45 0.27 -4.75
N LEU A 243 10.15 -0.24 -5.95
CA LEU A 243 11.18 -0.46 -6.98
C LEU A 243 10.72 0.27 -8.22
N GLN A 244 11.43 1.33 -8.61
CA GLN A 244 10.99 2.21 -9.69
C GLN A 244 12.04 2.28 -10.79
N GLY A 245 11.59 2.20 -12.04
CA GLY A 245 12.50 2.38 -13.17
C GLY A 245 13.48 1.24 -13.34
N SER A 246 13.08 0.03 -12.96
CA SER A 246 13.91 -1.15 -13.09
C SER A 246 14.04 -1.57 -14.55
N ALA A 247 15.18 -2.17 -14.89
CA ALA A 247 15.34 -2.83 -16.18
C ALA A 247 14.64 -4.18 -16.24
N LEU A 248 14.18 -4.70 -15.10
CA LEU A 248 13.56 -6.02 -15.02
C LEU A 248 12.06 -5.92 -15.25
N ASP A 249 11.51 -6.95 -15.90
CA ASP A 249 10.08 -7.07 -16.12
C ASP A 249 9.38 -7.48 -14.82
N ASP A 250 8.08 -7.75 -14.93
CA ASP A 250 7.30 -8.03 -13.74
C ASP A 250 7.80 -9.24 -12.98
N ASP A 251 8.15 -10.31 -13.69
CA ASP A 251 8.67 -11.49 -13.00
C ASP A 251 10.00 -11.19 -12.34
N GLY A 252 10.88 -10.43 -13.01
CA GLY A 252 12.16 -10.11 -12.41
C GLY A 252 12.01 -9.19 -11.21
N ARG A 253 11.12 -8.21 -11.30
CA ARG A 253 10.89 -7.33 -10.16
C ARG A 253 10.27 -8.10 -9.00
N ASP A 254 9.38 -9.05 -9.27
CA ASP A 254 8.86 -9.89 -8.19
C ASP A 254 10.00 -10.60 -7.48
N GLY A 255 11.00 -11.05 -8.25
CA GLY A 255 12.16 -11.68 -7.64
C GLY A 255 12.95 -10.74 -6.73
N ILE A 256 13.08 -9.47 -7.13
CA ILE A 256 13.72 -8.49 -6.25
C ILE A 256 12.91 -8.35 -4.97
N LEU A 257 11.60 -8.22 -5.08
CA LEU A 257 10.76 -8.09 -3.90
C LEU A 257 10.87 -9.32 -3.01
N ARG A 258 10.89 -10.51 -3.60
N ARG A 258 10.92 -10.51 -3.60
CA ARG A 258 11.17 -11.72 -2.82
CA ARG A 258 11.15 -11.72 -2.82
C ARG A 258 12.48 -11.59 -2.07
C ARG A 258 12.49 -11.68 -2.09
N GLN A 259 13.53 -11.16 -2.76
CA GLN A 259 14.83 -11.05 -2.10
C GLN A 259 14.82 -10.02 -0.98
N VAL A 260 14.08 -8.93 -1.14
CA VAL A 260 13.90 -7.99 -0.04
C VAL A 260 13.27 -8.71 1.15
N GLY A 261 12.27 -9.56 0.89
CA GLY A 261 11.68 -10.37 1.95
C GLY A 261 12.69 -11.28 2.63
N GLU A 262 13.58 -11.88 1.85
CA GLU A 262 14.63 -12.73 2.41
C GLU A 262 15.59 -11.94 3.28
N LEU A 263 16.03 -10.78 2.79
CA LEU A 263 16.91 -9.92 3.58
C LEU A 263 16.23 -9.47 4.86
N ALA A 264 14.95 -9.05 4.78
CA ALA A 264 14.21 -8.66 5.97
C ALA A 264 14.12 -9.81 6.94
N GLY A 265 13.89 -11.02 6.43
CA GLY A 265 13.72 -12.17 7.30
C GLY A 265 14.92 -12.43 8.19
N ALA A 266 16.11 -12.03 7.74
CA ALA A 266 17.30 -12.19 8.57
C ALA A 266 17.23 -11.40 9.88
N ARG A 267 16.33 -10.43 9.98
CA ARG A 267 16.16 -9.64 11.21
C ARG A 267 15.06 -10.16 12.13
N LEU A 268 14.24 -11.08 11.66
CA LEU A 268 13.01 -11.42 12.39
C LEU A 268 13.23 -12.50 13.45
C1 EDO B . 19.37 1.08 13.22
O1 EDO B . 18.16 0.79 13.94
C2 EDO B . 20.02 -0.24 12.83
O2 EDO B . 20.48 -0.94 14.01
C1 EDO C . -10.96 11.48 5.54
O1 EDO C . -11.21 12.90 5.48
C2 EDO C . -10.58 11.10 6.96
O2 EDO C . -11.59 11.54 7.88
C1 EDO D . -26.87 4.55 -4.28
O1 EDO D . -27.77 3.65 -4.95
C2 EDO D . -27.32 4.72 -2.83
O2 EDO D . -28.65 5.20 -2.79
C1 EDO E . -11.84 -4.49 -17.69
O1 EDO E . -10.47 -4.72 -17.32
C2 EDO E . -12.58 -3.92 -16.49
O2 EDO E . -12.32 -4.75 -15.34
C1 EDO F . -0.81 13.64 15.04
O1 EDO F . -2.12 13.57 14.46
C2 EDO F . -0.88 13.02 16.43
O2 EDO F . -1.69 11.84 16.35
C1 EDO G . -11.74 -6.48 16.74
O1 EDO G . -10.64 -7.39 16.82
C2 EDO G . -11.83 -5.65 18.01
O2 EDO G . -12.78 -4.61 17.79
C1 EDO H . -4.30 -16.05 -4.95
O1 EDO H . -4.58 -14.91 -5.76
C2 EDO H . -4.53 -15.71 -3.48
O2 EDO H . -3.49 -14.86 -2.96
C1 EDO I . 5.61 -16.03 4.75
O1 EDO I . 5.03 -15.09 3.82
C2 EDO I . 5.53 -15.45 6.16
O2 EDO I . 5.79 -16.48 7.13
C1 EDO J . 11.33 -2.32 -19.49
O1 EDO J . 10.43 -1.22 -19.70
C2 EDO J . 12.00 -2.23 -18.13
O2 EDO J . 12.69 -0.98 -18.04
C1 EDO K . 7.15 -5.24 -19.33
O1 EDO K . 8.50 -4.96 -18.90
C2 EDO K . 6.72 -6.61 -18.83
O2 EDO K . 6.69 -6.60 -17.39
C1 EDO L . 11.19 4.28 19.39
O1 EDO L . 10.21 5.31 19.31
C2 EDO L . 12.48 4.78 18.75
O2 EDO L . 12.98 5.90 19.50
C1 EDO M . -7.75 4.00 -20.90
O1 EDO M . -7.84 5.06 -21.87
C2 EDO M . -6.65 4.32 -19.90
O2 EDO M . -5.91 5.47 -20.32
C1 EDO N . -9.16 18.78 0.60
O1 EDO N . -10.52 19.12 0.38
C2 EDO N . -8.84 18.93 2.08
O2 EDO N . -9.83 18.23 2.84
C1 EDO O . -30.19 -6.97 -8.77
O1 EDO O . -29.83 -5.59 -8.98
C2 EDO O . -29.58 -7.46 -7.47
O2 EDO O . -29.86 -6.54 -6.43
C1 EDO P . 19.58 -5.88 5.69
O1 EDO P . 20.16 -5.01 6.67
C2 EDO P . 18.10 -6.07 6.02
O2 EDO P . 17.97 -6.96 7.14
C1 EDO Q . 3.73 17.87 0.80
O1 EDO Q . 4.99 17.22 1.01
C2 EDO Q . 2.57 16.94 1.12
O2 EDO Q . 2.29 16.97 2.53
C1 EDO R . -4.22 -4.83 13.52
O1 EDO R . -2.81 -4.67 13.75
C2 EDO R . -4.93 -5.15 14.83
O2 EDO R . -4.37 -6.36 15.35
C1 PG5 S . -4.14 -2.62 -11.51
O1 PG5 S . -3.55 -2.45 -10.25
C2 PG5 S . -2.81 -3.56 -9.77
C3 PG5 S . -1.77 -3.10 -8.76
O2 PG5 S . -1.54 -3.92 -7.62
C4 PG5 S . -1.48 -5.27 -7.91
C5 PG5 S . -0.06 -5.46 -8.41
O3 PG5 S . -0.05 -6.56 -9.27
C6 PG5 S . 0.12 -6.19 -10.62
C7 PG5 S . 0.59 -7.39 -11.42
O4 PG5 S . 1.59 -7.01 -12.31
C8 PG5 S . 1.14 -6.27 -13.42
#